data_4O9I
#
_entry.id   4O9I
#
_cell.length_a   50.211
_cell.length_b   60.475
_cell.length_c   92.988
_cell.angle_alpha   90.00
_cell.angle_beta   90.00
_cell.angle_gamma   90.00
#
_symmetry.space_group_name_H-M   'P 21 21 21'
#
loop_
_entity.id
_entity.type
_entity.pdbx_description
1 polymer 'Chromodomain-helicase-DNA-binding protein 4'
2 water water
#
_entity_poly.entity_id   1
_entity_poly.type   'polypeptide(L)'
_entity_poly.pdbx_seq_one_letter_code
;(MSE)AHHHHHHVDDDDKENLYFQ(MSE)KGKVQKILIWKWGQPPSPTPVPRPPDADPNTPSPKPLEGRPERQFFVKWQG
(MSE)SYWHCSWVSELQLELHCQV(MSE)FRNYQRKND(MSE)DEPPSGDFGGDEEKSRKRKNKDPKFAE(MSE)EERFY
RYGIKPEW(MSE)(MSE)IHRILNHSVDKKGHVHYLIKWRDLPYDQASWESEDVEIQDYDLFKQSYWNHRELKK
;
_entity_poly.pdbx_strand_id   X
#
# COMPACT_ATOMS: atom_id res chain seq x y z
N ASN A 16 -0.62 -12.66 -10.54
CA ASN A 16 0.39 -12.60 -9.46
C ASN A 16 0.30 -13.72 -8.49
N LEU A 17 1.08 -14.75 -8.73
CA LEU A 17 1.12 -15.90 -7.86
C LEU A 17 2.08 -15.66 -6.72
N TYR A 18 2.61 -14.46 -6.60
CA TYR A 18 3.44 -14.14 -5.48
C TYR A 18 3.62 -12.66 -5.29
N PHE A 19 4.07 -12.30 -4.11
CA PHE A 19 4.13 -10.94 -3.68
C PHE A 19 5.17 -10.15 -4.36
N GLN A 20 4.85 -8.94 -4.70
CA GLN A 20 5.74 -8.11 -5.44
C GLN A 20 6.64 -7.31 -4.55
N MSE A 21 7.90 -7.20 -4.89
CA MSE A 21 8.78 -6.28 -4.22
C MSE A 21 8.76 -4.98 -4.97
O MSE A 21 9.01 -4.92 -6.14
CB MSE A 21 10.18 -6.82 -4.17
CG MSE A 21 10.29 -8.06 -3.40
SE MSE A 21 10.52 -7.70 -1.62
CE MSE A 21 12.31 -7.25 -1.72
N LYS A 22 8.45 -3.90 -4.28
CA LYS A 22 8.20 -2.65 -4.94
C LYS A 22 9.37 -1.74 -4.82
N GLY A 23 10.20 -2.00 -3.85
CA GLY A 23 11.39 -1.21 -3.65
C GLY A 23 12.04 -1.71 -2.39
N LYS A 24 12.47 -0.77 -1.55
CA LYS A 24 13.02 -1.08 -0.22
C LYS A 24 11.96 -0.82 0.82
N VAL A 25 11.86 -1.74 1.76
CA VAL A 25 10.89 -1.65 2.82
C VAL A 25 11.32 -0.63 3.80
N GLN A 26 10.40 0.22 4.20
CA GLN A 26 10.73 1.21 5.21
C GLN A 26 10.19 0.82 6.60
N LYS A 27 9.06 0.16 6.64
CA LYS A 27 8.39 -0.02 7.89
C LYS A 27 7.40 -1.15 7.73
N ILE A 28 7.25 -1.92 8.78
CA ILE A 28 6.19 -2.89 8.78
C ILE A 28 5.03 -2.33 9.53
N LEU A 29 3.88 -2.17 8.91
CA LEU A 29 2.76 -1.54 9.60
C LEU A 29 1.97 -2.54 10.42
N ILE A 30 2.00 -3.82 10.04
CA ILE A 30 1.15 -4.85 10.67
C ILE A 30 1.49 -6.24 10.07
N TRP A 31 1.07 -7.34 10.70
CA TRP A 31 1.13 -8.65 10.05
C TRP A 31 -0.07 -9.48 10.41
N LYS A 32 -0.38 -10.45 9.54
CA LYS A 32 -1.46 -11.40 9.78
C LYS A 32 -1.07 -12.82 9.25
N TRP A 33 -1.80 -13.81 9.74
CA TRP A 33 -1.59 -15.16 9.26
C TRP A 33 -2.40 -15.30 8.01
N GLY A 34 -1.95 -16.15 7.10
CA GLY A 34 -2.56 -16.15 5.79
C GLY A 34 -2.31 -17.47 5.16
N GLN A 35 -3.04 -17.72 4.07
CA GLN A 35 -2.91 -19.01 3.40
C GLN A 35 -1.67 -18.97 2.55
N PRO A 36 -0.99 -20.14 2.46
CA PRO A 36 0.13 -20.32 1.53
C PRO A 36 -0.24 -20.08 0.07
N PRO A 37 0.73 -19.58 -0.71
CA PRO A 37 0.55 -19.56 -2.14
C PRO A 37 -0.03 -20.89 -2.63
N SER A 38 -0.92 -20.81 -3.61
CA SER A 38 -1.54 -22.01 -4.17
C SER A 38 -1.60 -21.88 -5.73
N PRO A 39 -1.48 -23.02 -6.46
CA PRO A 39 -1.50 -22.99 -7.93
C PRO A 39 -2.86 -22.92 -8.58
N THR A 40 -3.93 -23.12 -7.81
CA THR A 40 -5.31 -23.16 -8.34
C THR A 40 -5.59 -22.03 -9.36
N PRO A 41 -5.00 -20.84 -9.12
CA PRO A 41 -5.12 -19.64 -9.98
C PRO A 41 -4.54 -19.68 -11.42
N VAL A 42 -4.09 -20.86 -11.91
CA VAL A 42 -3.50 -21.00 -13.28
C VAL A 42 -4.59 -21.38 -14.30
N PRO A 43 -4.88 -20.45 -15.26
CA PRO A 43 -6.05 -20.58 -16.14
C PRO A 43 -6.12 -21.86 -16.93
N ARG A 44 -7.33 -22.42 -16.94
CA ARG A 44 -7.66 -23.64 -17.66
C ARG A 44 -7.70 -23.36 -19.17
N PRO A 45 -7.34 -24.37 -19.98
CA PRO A 45 -7.36 -24.19 -21.42
C PRO A 45 -8.76 -24.23 -21.96
N PRO A 46 -9.03 -23.52 -23.05
CA PRO A 46 -10.38 -23.52 -23.62
C PRO A 46 -10.89 -24.86 -24.14
N ASP A 47 -10.03 -25.87 -24.26
CA ASP A 47 -10.42 -27.18 -24.82
C ASP A 47 -10.60 -28.33 -23.79
N ALA A 48 -10.66 -28.02 -22.52
CA ALA A 48 -10.89 -29.05 -21.51
C ALA A 48 -12.38 -29.32 -21.29
N ASP A 49 -12.68 -30.07 -20.23
CA ASP A 49 -14.06 -30.37 -19.81
C ASP A 49 -14.08 -30.75 -18.33
N PRO A 50 -15.27 -30.87 -17.77
CA PRO A 50 -15.45 -31.25 -16.37
C PRO A 50 -14.13 -31.59 -15.69
N PRO A 55 -8.55 -29.29 -11.01
CA PRO A 55 -7.81 -30.04 -9.97
C PRO A 55 -7.54 -29.25 -8.65
N LYS A 56 -7.77 -29.90 -7.50
CA LYS A 56 -7.72 -29.24 -6.17
C LYS A 56 -6.57 -29.76 -5.26
N PRO A 57 -5.64 -28.85 -4.88
CA PRO A 57 -4.52 -29.15 -3.96
C PRO A 57 -4.88 -29.04 -2.45
N LEU A 58 -4.22 -29.84 -1.60
CA LEU A 58 -4.43 -29.82 -0.14
C LEU A 58 -3.97 -28.47 0.42
N GLU A 59 -4.60 -28.03 1.51
CA GLU A 59 -4.32 -26.71 2.06
C GLU A 59 -3.08 -26.74 2.93
N GLY A 60 -2.24 -25.73 2.73
CA GLY A 60 -0.93 -25.70 3.33
C GLY A 60 -0.98 -25.07 4.70
N ARG A 61 0.16 -25.11 5.37
CA ARG A 61 0.36 -24.40 6.61
C ARG A 61 0.28 -22.87 6.38
N PRO A 62 -0.53 -22.18 7.19
CA PRO A 62 -0.58 -20.74 7.02
C PRO A 62 0.76 -20.14 7.35
N GLU A 63 1.04 -18.99 6.76
CA GLU A 63 2.27 -18.32 7.01
C GLU A 63 2.07 -16.85 7.25
N ARG A 64 3.11 -16.20 7.73
CA ARG A 64 2.95 -14.82 8.12
C ARG A 64 3.06 -13.96 6.91
N GLN A 65 2.17 -12.98 6.77
CA GLN A 65 2.26 -11.95 5.71
C GLN A 65 2.32 -10.59 6.32
N PHE A 66 3.11 -9.74 5.69
CA PHE A 66 3.46 -8.45 6.26
C PHE A 66 3.04 -7.29 5.38
N PHE A 67 2.36 -6.31 5.95
CA PHE A 67 1.99 -5.09 5.24
C PHE A 67 3.07 -4.04 5.45
N VAL A 68 3.73 -3.62 4.39
CA VAL A 68 4.88 -2.73 4.51
C VAL A 68 4.63 -1.40 3.84
N LYS A 69 5.33 -0.36 4.31
CA LYS A 69 5.54 0.87 3.59
C LYS A 69 6.88 0.83 2.90
N TRP A 70 6.92 1.26 1.65
CA TRP A 70 8.14 1.28 0.86
C TRP A 70 8.83 2.66 1.02
N GLN A 71 10.14 2.63 0.99
CA GLN A 71 10.91 3.83 0.96
C GLN A 71 10.61 4.66 -0.24
N GLY A 72 10.34 5.94 0.01
CA GLY A 72 10.20 6.98 -1.00
C GLY A 72 8.86 6.98 -1.69
N MSE A 73 7.90 6.28 -1.10
CA MSE A 73 6.63 6.02 -1.73
C MSE A 73 5.51 6.27 -0.76
O MSE A 73 5.58 5.90 0.39
CB MSE A 73 6.55 4.59 -2.19
CG MSE A 73 7.61 4.20 -3.22
SE MSE A 73 7.26 2.45 -4.17
CE MSE A 73 6.32 3.16 -5.79
N SER A 74 4.45 6.87 -1.22
CA SER A 74 3.30 7.12 -0.37
C SER A 74 2.61 5.86 0.05
N TYR A 75 1.68 6.06 0.95
CA TYR A 75 0.86 5.04 1.52
C TYR A 75 -0.02 4.34 0.51
N TRP A 76 -0.23 4.93 -0.64
CA TRP A 76 -0.97 4.28 -1.70
C TRP A 76 -0.32 3.00 -2.17
N HIS A 77 0.97 2.91 -2.00
CA HIS A 77 1.74 1.78 -2.49
C HIS A 77 1.96 0.64 -1.52
N CYS A 78 1.40 0.76 -0.31
CA CYS A 78 1.66 -0.24 0.73
C CYS A 78 1.03 -1.48 0.24
N SER A 79 1.75 -2.56 0.44
CA SER A 79 1.38 -3.84 -0.07
C SER A 79 1.93 -4.92 0.87
N TRP A 80 1.71 -6.16 0.52
CA TRP A 80 2.06 -7.20 1.43
C TRP A 80 3.31 -7.87 0.93
N VAL A 81 4.06 -8.40 1.88
CA VAL A 81 5.19 -9.25 1.55
C VAL A 81 5.24 -10.48 2.43
N SER A 82 6.01 -11.46 1.98
CA SER A 82 6.07 -12.72 2.74
C SER A 82 7.18 -12.65 3.74
N GLU A 83 7.05 -13.44 4.77
CA GLU A 83 8.13 -13.58 5.74
C GLU A 83 9.47 -13.86 5.06
N LEU A 84 9.46 -14.68 4.02
CA LEU A 84 10.72 -15.02 3.37
C LEU A 84 11.31 -13.80 2.69
N GLN A 85 10.49 -12.96 2.06
CA GLN A 85 11.04 -11.80 1.37
C GLN A 85 11.66 -10.88 2.37
N LEU A 86 11.00 -10.69 3.53
CA LEU A 86 11.60 -9.88 4.58
C LEU A 86 12.87 -10.51 5.08
N GLU A 87 12.90 -11.84 5.24
CA GLU A 87 14.14 -12.48 5.71
C GLU A 87 15.28 -12.23 4.72
N LEU A 88 15.04 -12.41 3.43
CA LEU A 88 16.13 -12.29 2.45
C LEU A 88 16.55 -10.83 2.26
N HIS A 89 15.67 -9.88 2.47
CA HIS A 89 15.97 -8.56 1.99
C HIS A 89 16.06 -7.50 3.09
N CYS A 90 15.53 -7.75 4.28
CA CYS A 90 15.61 -6.77 5.39
C CYS A 90 15.89 -7.47 6.65
N GLN A 91 16.94 -8.27 6.69
CA GLN A 91 17.09 -9.20 7.79
C GLN A 91 17.33 -8.45 9.08
N VAL A 92 18.18 -7.42 9.05
CA VAL A 92 18.45 -6.68 10.24
C VAL A 92 17.20 -6.00 10.78
N MSE A 93 16.45 -5.33 9.92
CA MSE A 93 15.22 -4.68 10.38
C MSE A 93 14.10 -5.69 10.73
O MSE A 93 13.22 -5.46 11.57
CB MSE A 93 14.83 -3.64 9.34
CG MSE A 93 13.54 -2.92 9.58
SE MSE A 93 12.07 -3.75 8.48
CE MSE A 93 12.56 -2.69 6.84
N PHE A 94 14.13 -6.84 10.10
CA PHE A 94 13.16 -7.86 10.41
C PHE A 94 13.51 -8.57 11.76
N ARG A 95 14.79 -8.67 12.00
CA ARG A 95 15.30 -9.28 13.22
C ARG A 95 14.87 -8.39 14.41
N ASN A 96 14.93 -7.07 14.24
CA ASN A 96 14.49 -6.15 15.29
C ASN A 96 12.99 -6.27 15.48
N TYR A 97 12.27 -6.44 14.39
CA TYR A 97 10.82 -6.43 14.46
C TYR A 97 10.33 -7.63 15.26
N GLN A 98 10.92 -8.80 14.98
CA GLN A 98 10.60 -10.06 15.66
C GLN A 98 10.85 -10.08 17.18
N ARG A 99 11.91 -9.40 17.58
N ARG A 99 11.91 -9.40 17.58
CA ARG A 99 12.31 -9.35 18.97
CA ARG A 99 12.34 -9.32 18.96
C ARG A 99 11.44 -8.41 19.81
C ARG A 99 11.44 -8.42 19.80
N LYS A 100 10.98 -7.32 19.18
CA LYS A 100 10.04 -6.38 19.84
C LYS A 100 8.59 -6.87 19.79
N ASN A 101 8.22 -7.71 18.81
CA ASN A 101 6.82 -8.12 18.68
C ASN A 101 6.45 -9.60 18.93
N ASP A 102 5.21 -9.80 19.35
CA ASP A 102 4.66 -11.12 19.57
C ASP A 102 4.52 -11.73 18.19
N MSE A 103 5.13 -12.88 18.00
CA MSE A 103 5.18 -13.46 16.68
C MSE A 103 4.24 -14.66 16.59
O MSE A 103 4.24 -15.39 15.61
CB MSE A 103 6.63 -13.77 16.28
CG MSE A 103 7.48 -12.51 15.92
SE MSE A 103 6.77 -11.32 14.44
CE MSE A 103 5.78 -10.10 15.55
N ASP A 104 3.40 -14.87 17.58
CA ASP A 104 2.43 -15.92 17.42
C ASP A 104 1.01 -15.39 17.35
N GLU A 105 0.79 -14.30 18.06
CA GLU A 105 -0.50 -13.62 18.05
C GLU A 105 -0.22 -12.30 17.33
N PRO A 106 -0.94 -12.01 16.24
CA PRO A 106 -0.70 -10.77 15.49
C PRO A 106 -1.50 -9.58 15.98
N PRO A 107 -1.09 -8.38 15.57
CA PRO A 107 -1.67 -7.16 16.14
C PRO A 107 -3.15 -6.93 15.83
N SER A 108 -3.83 -6.12 16.65
CA SER A 108 -5.15 -5.51 16.29
C SER A 108 -5.02 -4.46 15.16
N ASP A 114 -14.33 9.08 19.61
CA ASP A 114 -13.44 9.61 18.58
C ASP A 114 -13.20 8.59 17.44
N GLU A 115 -12.14 7.78 17.53
CA GLU A 115 -11.73 6.91 16.40
C GLU A 115 -12.69 5.75 16.02
N GLU A 116 -13.55 5.33 16.95
CA GLU A 116 -14.30 4.05 16.83
C GLU A 116 -15.62 4.17 16.06
N LYS A 117 -16.68 4.67 16.73
CA LYS A 117 -18.04 4.76 16.16
C LYS A 117 -18.19 5.61 14.89
N SER A 118 -17.12 6.32 14.52
CA SER A 118 -17.10 7.15 13.32
C SER A 118 -16.30 6.51 12.18
N ARG A 119 -15.56 5.44 12.47
CA ARG A 119 -15.12 4.51 11.41
C ARG A 119 -16.38 3.77 10.90
N LYS A 120 -17.32 3.54 11.81
CA LYS A 120 -18.59 2.87 11.50
C LYS A 120 -19.46 3.71 10.56
N ARG A 121 -19.92 4.87 11.03
CA ARG A 121 -20.79 5.75 10.23
C ARG A 121 -20.15 6.24 8.88
N LYS A 122 -18.86 6.56 8.86
CA LYS A 122 -18.18 7.05 7.63
C LYS A 122 -18.09 5.97 6.56
N ASN A 123 -18.13 4.71 7.02
CA ASN A 123 -17.98 3.50 6.18
C ASN A 123 -19.14 3.14 5.23
N LYS A 124 -20.35 3.67 5.47
CA LYS A 124 -21.46 3.35 4.59
C LYS A 124 -21.28 3.93 3.16
N ASP A 125 -20.34 4.86 3.02
CA ASP A 125 -19.78 5.26 1.71
C ASP A 125 -18.88 4.17 1.07
N PRO A 126 -19.25 3.69 -0.12
CA PRO A 126 -18.51 2.59 -0.72
C PRO A 126 -17.04 2.85 -1.11
N LYS A 127 -16.66 4.06 -1.52
CA LYS A 127 -15.23 4.30 -1.81
C LYS A 127 -14.45 4.27 -0.52
N PHE A 128 -15.09 4.65 0.57
CA PHE A 128 -14.48 4.55 1.89
C PHE A 128 -14.37 3.09 2.31
N ALA A 129 -15.47 2.36 2.25
CA ALA A 129 -15.48 0.91 2.49
C ALA A 129 -14.29 0.24 1.82
N GLU A 130 -14.07 0.56 0.55
CA GLU A 130 -13.05 -0.10 -0.22
C GLU A 130 -11.66 0.25 0.29
N MSE A 131 -11.44 1.53 0.53
CA MSE A 131 -10.20 1.99 1.12
C MSE A 131 -9.95 1.48 2.51
O MSE A 131 -8.81 1.39 2.92
CB MSE A 131 -10.24 3.51 1.27
CG MSE A 131 -10.31 4.27 -0.02
SE MSE A 131 -8.68 3.93 -1.05
CE MSE A 131 -7.41 5.24 -0.19
N GLU A 132 -11.02 1.24 3.25
CA GLU A 132 -10.92 0.80 4.62
C GLU A 132 -10.43 -0.65 4.63
N GLU A 133 -11.03 -1.50 3.79
CA GLU A 133 -10.62 -2.88 3.65
C GLU A 133 -9.16 -2.98 3.13
N ARG A 134 -8.79 -2.07 2.26
CA ARG A 134 -7.52 -2.18 1.59
C ARG A 134 -6.33 -1.60 2.38
N PHE A 135 -6.58 -0.47 3.08
CA PHE A 135 -5.58 0.38 3.73
C PHE A 135 -5.87 0.74 5.21
N TYR A 136 -6.97 1.46 5.49
CA TYR A 136 -7.07 2.08 6.81
C TYR A 136 -7.10 1.06 7.96
N ARG A 137 -7.68 -0.09 7.73
CA ARG A 137 -7.74 -1.05 8.83
C ARG A 137 -6.39 -1.69 9.15
N TYR A 138 -5.36 -1.42 8.38
CA TYR A 138 -4.03 -1.88 8.71
C TYR A 138 -3.12 -0.75 9.32
N GLY A 139 -3.72 0.39 9.71
CA GLY A 139 -3.01 1.46 10.41
C GLY A 139 -2.65 2.70 9.61
N ILE A 140 -3.35 2.96 8.51
CA ILE A 140 -3.06 4.13 7.65
C ILE A 140 -4.17 5.09 7.94
N LYS A 141 -3.82 6.32 8.34
CA LYS A 141 -4.83 7.34 8.53
C LYS A 141 -5.35 7.73 7.16
N PRO A 142 -6.64 7.97 7.07
CA PRO A 142 -7.19 8.46 5.80
C PRO A 142 -6.52 9.71 5.21
N GLU A 143 -6.12 10.61 6.08
CA GLU A 143 -5.61 11.89 5.64
C GLU A 143 -4.26 11.70 4.93
N TRP A 144 -3.51 10.67 5.30
CA TRP A 144 -2.17 10.46 4.77
C TRP A 144 -2.19 10.15 3.32
N MSE A 145 -3.38 9.83 2.82
CA MSE A 145 -3.55 9.54 1.40
C MSE A 145 -4.28 10.63 0.68
O MSE A 145 -4.68 10.43 -0.42
CB MSE A 145 -4.26 8.21 1.26
CG MSE A 145 -3.27 7.06 1.43
SE MSE A 145 -4.07 5.32 1.68
CE MSE A 145 -5.10 5.74 3.24
N MSE A 146 -4.46 11.77 1.32
CA MSE A 146 -5.09 12.93 0.70
C MSE A 146 -4.07 13.98 0.32
O MSE A 146 -3.15 14.29 1.07
CB MSE A 146 -6.11 13.52 1.62
CG MSE A 146 -7.27 12.55 1.90
SE MSE A 146 -8.64 13.29 3.22
CE MSE A 146 -9.11 14.98 2.18
N ILE A 147 -4.25 14.55 -0.85
CA ILE A 147 -3.32 15.54 -1.34
C ILE A 147 -3.51 16.77 -0.48
N HIS A 148 -2.45 17.31 0.09
CA HIS A 148 -2.59 18.65 0.65
C HIS A 148 -2.35 19.66 -0.45
N ARG A 149 -1.25 19.46 -1.16
CA ARG A 149 -0.94 20.23 -2.32
C ARG A 149 0.20 19.70 -3.13
N ILE A 150 0.26 20.09 -4.40
CA ILE A 150 1.33 19.70 -5.30
C ILE A 150 2.51 20.65 -5.23
N LEU A 151 3.70 20.12 -5.10
CA LEU A 151 4.81 21.02 -4.89
C LEU A 151 5.62 21.20 -6.12
N ASN A 152 5.69 20.20 -6.98
CA ASN A 152 6.52 20.33 -8.16
C ASN A 152 6.16 19.25 -9.12
N HIS A 153 6.83 19.23 -10.26
CA HIS A 153 6.57 18.19 -11.23
C HIS A 153 7.85 17.84 -11.90
N SER A 154 7.80 16.75 -12.64
CA SER A 154 8.93 16.25 -13.41
C SER A 154 8.41 15.59 -14.67
N VAL A 155 9.13 15.70 -15.77
CA VAL A 155 8.75 15.01 -17.00
C VAL A 155 9.81 13.98 -17.44
N ASP A 156 9.38 12.82 -17.98
CA ASP A 156 10.27 11.81 -18.64
C ASP A 156 10.68 12.31 -20.04
N LYS A 157 11.58 11.56 -20.70
CA LYS A 157 11.81 11.72 -22.16
C LYS A 157 10.56 11.29 -22.93
N LYS A 158 9.77 10.38 -22.35
CA LYS A 158 8.46 9.96 -22.90
C LYS A 158 7.42 11.09 -22.86
N GLY A 159 7.42 11.90 -21.82
CA GLY A 159 6.46 12.99 -21.72
C GLY A 159 5.47 12.69 -20.62
N HIS A 160 5.64 11.56 -19.93
CA HIS A 160 4.85 11.24 -18.74
C HIS A 160 5.25 12.14 -17.61
N VAL A 161 4.28 12.65 -16.88
CA VAL A 161 4.55 13.63 -15.84
C VAL A 161 4.37 13.00 -14.48
N HIS A 162 5.17 13.43 -13.53
CA HIS A 162 4.99 13.05 -12.12
C HIS A 162 4.88 14.27 -11.33
N TYR A 163 4.16 14.15 -10.23
CA TYR A 163 3.93 15.26 -9.34
C TYR A 163 4.45 14.91 -7.95
N LEU A 164 5.11 15.85 -7.32
CA LEU A 164 5.63 15.67 -5.98
C LEU A 164 4.56 16.16 -5.06
N ILE A 165 3.98 15.32 -4.23
CA ILE A 165 2.82 15.69 -3.46
C ILE A 165 3.11 15.84 -1.99
N LYS A 166 2.54 16.85 -1.31
CA LYS A 166 2.50 16.93 0.15
C LYS A 166 1.17 16.31 0.53
N TRP A 167 1.21 15.33 1.43
CA TRP A 167 -0.03 14.67 1.87
C TRP A 167 -0.58 15.28 3.12
N ARG A 168 -1.89 15.15 3.34
CA ARG A 168 -2.48 15.78 4.54
C ARG A 168 -1.96 15.15 5.80
N ASP A 169 -1.62 15.99 6.76
CA ASP A 169 -1.15 15.63 8.08
C ASP A 169 0.15 14.96 8.07
N LEU A 170 0.91 15.03 6.98
CA LEU A 170 2.26 14.47 6.97
C LEU A 170 3.16 15.61 6.66
N PRO A 171 4.36 15.63 7.21
CA PRO A 171 5.28 16.73 6.89
C PRO A 171 5.69 16.86 5.45
N TYR A 172 6.23 18.04 5.13
CA TYR A 172 6.83 18.36 3.84
C TYR A 172 7.92 17.36 3.46
N ASP A 173 8.79 17.08 4.40
CA ASP A 173 9.81 16.07 4.19
C ASP A 173 9.31 14.66 3.90
N GLN A 174 8.04 14.38 4.15
CA GLN A 174 7.42 13.13 3.74
C GLN A 174 6.57 13.27 2.44
N ALA A 175 6.72 14.39 1.73
CA ALA A 175 6.25 14.51 0.35
C ALA A 175 6.76 13.36 -0.49
N SER A 176 6.00 12.93 -1.50
CA SER A 176 6.47 11.86 -2.40
C SER A 176 5.91 11.97 -3.80
N TRP A 177 6.57 11.37 -4.77
CA TRP A 177 6.19 11.48 -6.17
C TRP A 177 5.04 10.59 -6.51
N GLU A 178 4.16 11.06 -7.36
CA GLU A 178 3.20 10.20 -7.98
C GLU A 178 3.10 10.53 -9.47
N SER A 179 2.99 9.46 -10.25
CA SER A 179 2.56 9.49 -11.62
C SER A 179 1.27 10.27 -11.78
N GLU A 180 1.17 11.03 -12.86
CA GLU A 180 -0.03 11.70 -13.29
C GLU A 180 -1.23 10.77 -13.47
N ASP A 181 -0.98 9.52 -13.87
CA ASP A 181 -2.03 8.59 -14.33
C ASP A 181 -2.78 7.87 -13.21
N VAL A 182 -2.38 8.16 -11.99
CA VAL A 182 -2.97 7.61 -10.77
C VAL A 182 -4.33 8.25 -10.45
N GLU A 183 -5.10 7.56 -9.59
CA GLU A 183 -6.49 7.93 -9.28
C GLU A 183 -6.63 8.16 -7.76
N ILE A 184 -6.48 9.43 -7.40
CA ILE A 184 -6.55 9.90 -6.05
C ILE A 184 -7.67 10.95 -6.03
N GLN A 185 -8.37 11.06 -4.92
CA GLN A 185 -9.40 12.07 -4.84
C GLN A 185 -8.87 13.49 -5.30
N ASP A 186 -9.53 14.02 -6.33
CA ASP A 186 -9.32 15.37 -6.88
C ASP A 186 -7.93 15.63 -7.36
N TYR A 187 -7.19 14.57 -7.61
CA TYR A 187 -5.92 14.73 -8.21
C TYR A 187 -5.99 15.79 -9.28
N ASP A 188 -6.93 15.67 -10.19
CA ASP A 188 -6.94 16.59 -11.34
C ASP A 188 -7.27 18.03 -11.00
N LEU A 189 -8.07 18.19 -9.96
CA LEU A 189 -8.37 19.51 -9.41
C LEU A 189 -7.14 20.18 -8.83
N PHE A 190 -6.29 19.40 -8.20
CA PHE A 190 -5.03 19.92 -7.66
C PHE A 190 -4.03 20.18 -8.75
N LYS A 191 -3.97 19.31 -9.75
CA LYS A 191 -3.09 19.55 -10.90
C LYS A 191 -3.39 20.88 -11.56
N GLN A 192 -4.66 21.24 -11.63
CA GLN A 192 -4.98 22.46 -12.34
C GLN A 192 -4.66 23.64 -11.49
N SER A 193 -4.91 23.52 -10.20
CA SER A 193 -4.41 24.53 -9.29
C SER A 193 -2.87 24.74 -9.41
N TYR A 194 -2.13 23.66 -9.39
CA TYR A 194 -0.68 23.75 -9.47
C TYR A 194 -0.28 24.52 -10.70
N TRP A 195 -0.93 24.17 -11.80
CA TRP A 195 -0.54 24.71 -13.07
C TRP A 195 -1.04 26.15 -13.25
N ASN A 196 -2.27 26.46 -12.87
CA ASN A 196 -2.71 27.85 -12.89
C ASN A 196 -1.80 28.81 -12.09
N HIS A 197 -1.46 28.45 -10.86
CA HIS A 197 -0.75 29.40 -10.00
C HIS A 197 0.77 29.22 -10.11
N ARG A 198 1.25 28.95 -11.33
CA ARG A 198 2.66 28.65 -11.51
C ARG A 198 3.38 29.66 -12.40
N GLU A 199 2.65 30.38 -13.24
CA GLU A 199 3.24 31.52 -13.97
C GLU A 199 2.85 32.89 -13.36
N LEU A 200 2.01 32.88 -12.32
CA LEU A 200 1.70 34.11 -11.56
C LEU A 200 2.90 34.45 -10.64
#